data_7AZ6
#
_entry.id   7AZ6
#
_cell.length_a   108.289
_cell.length_b   66.451
_cell.length_c   80.272
_cell.angle_alpha   90.000
_cell.angle_beta   127.840
_cell.angle_gamma   90.000
#
_symmetry.space_group_name_H-M   'C 1 2 1'
#
loop_
_entity.id
_entity.type
_entity.pdbx_description
1 polymer 'Beta sliding clamp'
2 polymer 'Peptide 36'
3 non-polymer DI(HYDROXYETHYL)ETHER
4 non-polymer GLYCEROL
5 non-polymer 'ACETATE ION'
6 non-polymer 'CHLORIDE ION'
7 water water
#
loop_
_entity_poly.entity_id
_entity_poly.type
_entity_poly.pdbx_seq_one_letter_code
_entity_poly.pdbx_strand_id
1 'polypeptide(L)'
;MGSSHHHHHHSSGLVPRGSHMKFTVEREHLLKPLQQVSGPLGGRPTLPILGNLLLQVADGTLSLTGTDLEMEMVARVALV
QPHEPGATTVPARKFFDICRGLPEGAEIAVQLEGERMLVRSGRSRFSLSTLPAADFPNLDDWQSEVEFTLPQATMKRLIE
ATQFSMAHQDVRYYLNGMLFETEGEELRTVATDGHRLAVCSMPIGQSLPSHSVIVPRKGVIELMRMLDGGDNPLRVQIGS
NNIRAHVGDFIFTSKLVDGRFPDYRRVLPKNPDKHLEAGCDLLKQAFARAAILSNEKFRGVRLYVSENQLKITANNPEQE
EAEEILDVTYSGAEMEIGFNVSYVLDVLNALKCENVRMMLTDSVSSVQIEDAASQSAAYVVMPMRL
;
A
2 'polypeptide(L)' (ACE)RQ(ALC)(SOQ)L(ZCL) H
#
# COMPACT_ATOMS: atom_id res chain seq x y z
N SER A 19 -26.41 6.39 -26.83
CA SER A 19 -26.19 7.56 -27.66
C SER A 19 -26.31 8.89 -26.89
N HIS A 20 -27.23 9.00 -25.89
CA HIS A 20 -27.43 10.27 -25.16
C HIS A 20 -27.47 10.01 -23.67
N MET A 21 -26.30 9.75 -23.10
CA MET A 21 -26.17 9.42 -21.68
C MET A 21 -26.85 10.41 -20.75
N LYS A 22 -27.62 9.91 -19.79
CA LYS A 22 -28.24 10.77 -18.81
C LYS A 22 -28.54 9.97 -17.56
N PHE A 23 -28.39 10.60 -16.43
CA PHE A 23 -28.69 9.98 -15.16
C PHE A 23 -28.91 11.08 -14.12
N THR A 24 -29.69 10.77 -13.10
CA THR A 24 -29.91 11.64 -11.96
C THR A 24 -29.60 10.81 -10.75
N VAL A 25 -28.70 11.28 -9.90
N VAL A 25 -28.69 11.29 -9.90
CA VAL A 25 -28.24 10.55 -8.74
CA VAL A 25 -28.23 10.57 -8.71
C VAL A 25 -28.02 11.51 -7.57
C VAL A 25 -28.09 11.54 -7.56
N GLU A 26 -28.39 11.06 -6.36
CA GLU A 26 -28.27 11.85 -5.15
C GLU A 26 -26.77 11.99 -4.83
N ARG A 27 -26.36 13.20 -4.41
CA ARG A 27 -24.95 13.56 -4.20
C ARG A 27 -24.15 12.56 -3.39
N GLU A 28 -24.66 12.13 -2.24
CA GLU A 28 -23.92 11.22 -1.38
C GLU A 28 -23.80 9.79 -1.94
N HIS A 29 -24.55 9.44 -3.01
CA HIS A 29 -24.37 8.16 -3.69
C HIS A 29 -23.28 8.30 -4.77
N LEU A 30 -22.76 9.53 -5.00
CA LEU A 30 -21.75 9.82 -6.01
C LEU A 30 -20.38 10.18 -5.43
N LEU A 31 -20.33 10.91 -4.32
CA LEU A 31 -19.09 11.40 -3.73
C LEU A 31 -18.02 10.35 -3.43
N LYS A 32 -18.26 9.41 -2.50
CA LYS A 32 -17.20 8.44 -2.19
C LYS A 32 -16.80 7.67 -3.45
N PRO A 33 -17.75 7.20 -4.29
CA PRO A 33 -17.34 6.57 -5.57
C PRO A 33 -16.41 7.44 -6.43
N LEU A 34 -16.71 8.75 -6.54
CA LEU A 34 -15.87 9.65 -7.32
C LEU A 34 -14.50 9.79 -6.70
N GLN A 35 -14.42 9.85 -5.38
CA GLN A 35 -13.15 9.95 -4.66
C GLN A 35 -12.33 8.65 -4.85
N GLN A 36 -13.00 7.50 -4.78
CA GLN A 36 -12.34 6.22 -4.96
C GLN A 36 -11.76 6.05 -6.38
N VAL A 37 -12.56 6.29 -7.44
CA VAL A 37 -12.11 6.09 -8.83
C VAL A 37 -11.08 7.13 -9.25
N SER A 38 -10.93 8.25 -8.51
CA SER A 38 -9.90 9.24 -8.81
C SER A 38 -8.52 8.84 -8.24
N GLY A 39 -8.45 7.80 -7.41
CA GLY A 39 -7.20 7.33 -6.81
C GLY A 39 -6.02 7.15 -7.75
N PRO A 40 -6.17 6.42 -8.89
CA PRO A 40 -5.02 6.25 -9.81
C PRO A 40 -4.56 7.49 -10.59
N LEU A 41 -5.29 8.61 -10.55
CA LEU A 41 -4.96 9.83 -11.30
C LEU A 41 -4.01 10.72 -10.50
N GLY A 42 -3.37 11.67 -11.19
CA GLY A 42 -2.50 12.66 -10.54
C GLY A 42 -1.07 12.80 -11.02
N GLY A 43 -0.61 11.89 -11.89
CA GLY A 43 0.75 11.95 -12.42
C GLY A 43 0.99 13.09 -13.40
N ARG A 44 2.14 13.07 -14.09
CA ARG A 44 2.45 14.10 -15.08
C ARG A 44 1.50 13.95 -16.28
N PRO A 45 0.95 15.04 -16.87
CA PRO A 45 0.03 14.85 -18.01
C PRO A 45 0.67 14.08 -19.17
N THR A 46 0.06 12.95 -19.56
CA THR A 46 0.53 12.20 -20.72
C THR A 46 -0.63 12.19 -21.71
N LEU A 47 -1.39 11.11 -21.75
CA LEU A 47 -2.54 10.98 -22.65
C LEU A 47 -3.68 11.82 -22.03
N PRO A 48 -4.25 12.80 -22.75
CA PRO A 48 -5.28 13.68 -22.14
C PRO A 48 -6.37 12.97 -21.35
N ILE A 49 -6.91 11.91 -21.92
CA ILE A 49 -8.01 11.19 -21.29
C ILE A 49 -7.65 10.58 -19.91
N LEU A 50 -6.35 10.42 -19.59
CA LEU A 50 -5.98 9.89 -18.26
C LEU A 50 -6.35 10.83 -17.08
N GLY A 51 -6.68 12.08 -17.36
CA GLY A 51 -7.14 13.02 -16.35
C GLY A 51 -8.65 12.98 -16.19
N ASN A 52 -9.35 12.12 -16.96
CA ASN A 52 -10.79 12.04 -16.96
C ASN A 52 -11.29 10.76 -16.36
N LEU A 53 -12.53 10.79 -15.89
CA LEU A 53 -13.18 9.58 -15.42
C LEU A 53 -14.08 9.09 -16.53
N LEU A 54 -14.16 7.80 -16.74
CA LEU A 54 -15.10 7.25 -17.72
C LEU A 54 -16.44 7.05 -17.00
N LEU A 55 -17.52 7.63 -17.51
CA LEU A 55 -18.87 7.46 -16.96
C LEU A 55 -19.64 6.60 -17.98
N GLN A 56 -20.28 5.52 -17.54
CA GLN A 56 -21.06 4.66 -18.45
C GLN A 56 -22.39 4.38 -17.83
N VAL A 57 -23.47 4.58 -18.56
CA VAL A 57 -24.78 4.20 -18.05
C VAL A 57 -25.15 3.00 -18.92
N ALA A 58 -25.46 1.86 -18.28
CA ALA A 58 -25.79 0.62 -18.99
C ALA A 58 -26.77 -0.13 -18.12
N ASP A 59 -27.92 -0.53 -18.70
CA ASP A 59 -29.03 -1.15 -17.98
C ASP A 59 -29.40 -0.26 -16.76
N GLY A 60 -29.31 -0.75 -15.52
CA GLY A 60 -29.60 0.06 -14.34
C GLY A 60 -28.38 0.53 -13.55
N THR A 61 -27.18 0.61 -14.19
CA THR A 61 -25.94 0.94 -13.49
C THR A 61 -25.18 2.09 -14.13
N LEU A 62 -24.60 2.94 -13.28
CA LEU A 62 -23.67 3.99 -13.68
C LEU A 62 -22.32 3.44 -13.26
N SER A 63 -21.42 3.23 -14.22
CA SER A 63 -20.07 2.77 -13.90
C SER A 63 -19.15 3.96 -14.05
N LEU A 64 -18.27 4.20 -13.06
CA LEU A 64 -17.29 5.29 -13.09
C LEU A 64 -15.93 4.61 -13.09
N THR A 65 -15.02 4.96 -14.02
CA THR A 65 -13.68 4.32 -14.05
C THR A 65 -12.61 5.40 -14.11
N GLY A 66 -11.58 5.21 -13.30
CA GLY A 66 -10.36 6.03 -13.34
C GLY A 66 -9.21 5.06 -13.54
N THR A 67 -8.16 5.47 -14.28
CA THR A 67 -7.00 4.58 -14.60
C THR A 67 -5.72 5.38 -14.86
N ASP A 68 -4.58 4.73 -14.68
CA ASP A 68 -3.28 5.31 -15.01
C ASP A 68 -2.57 4.38 -16.03
N LEU A 69 -3.34 3.46 -16.70
CA LEU A 69 -2.87 2.44 -17.64
C LEU A 69 -2.36 1.18 -16.90
N GLU A 70 -1.65 1.35 -15.77
CA GLU A 70 -1.14 0.20 -15.00
C GLU A 70 -2.28 -0.41 -14.17
N MET A 71 -3.17 0.44 -13.65
CA MET A 71 -4.27 -0.05 -12.83
C MET A 71 -5.51 0.75 -13.04
N GLU A 72 -6.67 0.24 -12.60
CA GLU A 72 -7.90 1.00 -12.70
C GLU A 72 -8.79 0.75 -11.49
N MET A 73 -9.63 1.74 -11.19
CA MET A 73 -10.60 1.66 -10.13
C MET A 73 -11.94 1.97 -10.76
N VAL A 74 -12.89 1.10 -10.49
CA VAL A 74 -14.25 1.15 -11.04
C VAL A 74 -15.19 1.16 -9.90
N ALA A 75 -16.23 1.97 -9.99
CA ALA A 75 -17.28 2.04 -8.99
C ALA A 75 -18.58 1.82 -9.71
N ARG A 76 -19.45 0.95 -9.19
CA ARG A 76 -20.76 0.70 -9.80
C ARG A 76 -21.80 1.40 -8.93
N VAL A 77 -22.63 2.25 -9.52
CA VAL A 77 -23.67 2.94 -8.78
C VAL A 77 -25.01 2.56 -9.39
N ALA A 78 -25.90 2.01 -8.56
CA ALA A 78 -27.23 1.60 -8.99
C ALA A 78 -28.04 2.88 -9.34
N LEU A 79 -28.71 2.89 -10.50
CA LEU A 79 -29.51 4.04 -10.96
C LEU A 79 -30.99 3.74 -10.78
N VAL A 80 -31.56 4.33 -9.72
CA VAL A 80 -32.96 4.14 -9.38
C VAL A 80 -33.86 5.14 -10.10
N GLN A 81 -33.34 6.34 -10.37
CA GLN A 81 -34.07 7.41 -11.02
C GLN A 81 -33.95 7.29 -12.54
N PRO A 82 -34.83 7.94 -13.32
CA PRO A 82 -34.71 7.89 -14.78
C PRO A 82 -33.29 8.11 -15.34
N HIS A 83 -32.96 7.32 -16.35
CA HIS A 83 -31.64 7.38 -16.98
C HIS A 83 -31.70 6.85 -18.38
N GLU A 84 -30.73 7.26 -19.19
CA GLU A 84 -30.59 6.80 -20.55
C GLU A 84 -29.17 6.35 -20.73
N PRO A 85 -28.93 5.27 -21.49
CA PRO A 85 -27.58 4.71 -21.60
C PRO A 85 -26.64 5.50 -22.47
N GLY A 86 -25.36 5.22 -22.31
CA GLY A 86 -24.32 5.88 -23.10
C GLY A 86 -23.04 6.05 -22.30
N ALA A 87 -22.01 6.61 -22.93
CA ALA A 87 -20.73 6.78 -22.27
C ALA A 87 -20.02 8.04 -22.67
N THR A 88 -19.21 8.55 -21.75
CA THR A 88 -18.36 9.73 -21.98
C THR A 88 -17.30 9.78 -20.92
N THR A 89 -16.40 10.75 -21.03
CA THR A 89 -15.37 10.92 -20.01
C THR A 89 -15.31 12.37 -19.70
N VAL A 90 -15.03 12.71 -18.44
CA VAL A 90 -15.00 14.14 -18.04
C VAL A 90 -13.83 14.34 -17.15
N PRO A 91 -13.36 15.58 -17.02
CA PRO A 91 -12.27 15.85 -16.06
C PRO A 91 -12.63 15.37 -14.66
N ALA A 92 -11.74 14.55 -14.06
CA ALA A 92 -11.97 14.00 -12.74
C ALA A 92 -12.08 15.01 -11.63
N ARG A 93 -11.03 15.83 -11.43
CA ARG A 93 -11.02 16.80 -10.33
C ARG A 93 -12.16 17.83 -10.42
N LYS A 94 -12.45 18.33 -11.62
CA LYS A 94 -13.54 19.31 -11.77
C LYS A 94 -14.90 18.70 -11.46
N PHE A 95 -15.16 17.49 -12.00
CA PHE A 95 -16.42 16.80 -11.75
C PHE A 95 -16.54 16.44 -10.27
N PHE A 96 -15.45 15.94 -9.63
CA PHE A 96 -15.52 15.68 -8.19
C PHE A 96 -15.73 17.01 -7.40
N ASP A 97 -15.05 18.08 -7.80
CA ASP A 97 -15.16 19.36 -7.09
C ASP A 97 -16.53 19.97 -7.23
N ILE A 98 -17.21 19.75 -8.37
CA ILE A 98 -18.59 20.23 -8.53
C ILE A 98 -19.52 19.49 -7.58
N CYS A 99 -19.49 18.16 -7.64
CA CYS A 99 -20.33 17.30 -6.80
C CYS A 99 -20.07 17.55 -5.30
N ARG A 100 -18.79 17.67 -4.91
CA ARG A 100 -18.40 17.97 -3.54
C ARG A 100 -18.89 19.35 -3.09
N GLY A 101 -18.81 20.35 -3.96
CA GLY A 101 -19.22 21.72 -3.65
C GLY A 101 -20.71 21.94 -3.54
N LEU A 102 -21.53 21.05 -4.12
CA LEU A 102 -22.99 21.14 -4.03
C LEU A 102 -23.47 20.83 -2.61
N PRO A 103 -24.66 21.35 -2.22
CA PRO A 103 -25.14 21.07 -0.85
C PRO A 103 -25.50 19.63 -0.57
N GLU A 104 -25.49 19.28 0.72
CA GLU A 104 -25.85 17.93 1.14
C GLU A 104 -27.27 17.62 0.69
N GLY A 105 -27.48 16.48 0.07
CA GLY A 105 -28.81 16.11 -0.39
C GLY A 105 -29.14 16.59 -1.79
N ALA A 106 -28.20 17.27 -2.46
CA ALA A 106 -28.41 17.76 -3.81
C ALA A 106 -28.73 16.60 -4.76
N GLU A 107 -29.69 16.77 -5.68
CA GLU A 107 -29.90 15.74 -6.71
C GLU A 107 -29.01 16.19 -7.87
N ILE A 108 -28.07 15.36 -8.29
CA ILE A 108 -27.13 15.74 -9.36
C ILE A 108 -27.63 15.10 -10.65
N ALA A 109 -28.18 15.93 -11.57
CA ALA A 109 -28.67 15.50 -12.88
C ALA A 109 -27.52 15.71 -13.87
N VAL A 110 -27.10 14.64 -14.56
CA VAL A 110 -25.99 14.69 -15.50
C VAL A 110 -26.49 14.28 -16.86
N GLN A 111 -26.07 14.98 -17.90
CA GLN A 111 -26.45 14.58 -19.24
C GLN A 111 -25.47 15.08 -20.30
N LEU A 112 -25.32 14.28 -21.32
CA LEU A 112 -24.45 14.61 -22.44
C LEU A 112 -25.24 15.47 -23.39
N GLU A 113 -24.65 16.57 -23.85
CA GLU A 113 -25.25 17.52 -24.80
C GLU A 113 -24.17 17.78 -25.82
N GLY A 114 -24.21 17.03 -26.90
CA GLY A 114 -23.16 17.13 -27.92
C GLY A 114 -21.86 16.62 -27.34
N GLU A 115 -20.79 17.43 -27.37
CA GLU A 115 -19.48 17.04 -26.82
CA GLU A 115 -19.49 17.04 -26.81
C GLU A 115 -19.31 17.63 -25.39
N ARG A 116 -20.39 18.06 -24.76
CA ARG A 116 -20.30 18.62 -23.43
C ARG A 116 -21.08 17.78 -22.48
N MET A 117 -20.63 17.70 -21.24
CA MET A 117 -21.38 17.00 -20.19
C MET A 117 -21.92 18.05 -19.24
N LEU A 118 -23.24 18.06 -19.09
CA LEU A 118 -23.94 19.01 -18.24
C LEU A 118 -24.21 18.43 -16.88
N VAL A 119 -23.87 19.19 -15.85
CA VAL A 119 -24.12 18.82 -14.47
C VAL A 119 -25.07 19.89 -13.94
N ARG A 120 -26.23 19.46 -13.42
CA ARG A 120 -27.23 20.40 -12.91
C ARG A 120 -27.76 19.96 -11.58
N SER A 121 -27.93 20.89 -10.67
CA SER A 121 -28.52 20.68 -9.36
C SER A 121 -29.02 22.04 -8.88
N GLY A 122 -30.28 22.12 -8.48
CA GLY A 122 -30.90 23.37 -8.07
C GLY A 122 -30.84 24.36 -9.20
N ARG A 123 -30.24 25.53 -8.98
CA ARG A 123 -30.03 26.51 -10.06
C ARG A 123 -28.53 26.68 -10.30
N SER A 124 -27.76 25.56 -10.18
CA SER A 124 -26.33 25.52 -10.46
C SER A 124 -26.24 24.73 -11.75
N ARG A 125 -25.45 25.20 -12.72
CA ARG A 125 -25.33 24.52 -14.02
C ARG A 125 -23.87 24.50 -14.40
N PHE A 126 -23.32 23.33 -14.72
CA PHE A 126 -21.91 23.23 -15.12
C PHE A 126 -21.83 22.51 -16.44
N SER A 127 -21.09 23.09 -17.39
CA SER A 127 -20.84 22.52 -18.69
C SER A 127 -19.36 22.10 -18.74
N LEU A 128 -19.09 20.80 -18.79
CA LEU A 128 -17.73 20.25 -18.83
C LEU A 128 -17.36 19.77 -20.18
N SER A 129 -16.07 19.85 -20.50
CA SER A 129 -15.55 19.34 -21.76
C SER A 129 -15.46 17.82 -21.56
N THR A 130 -15.47 17.09 -22.65
CA THR A 130 -15.44 15.63 -22.59
C THR A 130 -14.41 15.10 -23.58
N LEU A 131 -13.95 13.86 -23.39
CA LEU A 131 -13.10 13.19 -24.35
C LEU A 131 -13.88 11.91 -24.68
N PRO A 132 -13.83 11.39 -25.91
CA PRO A 132 -14.67 10.22 -26.24
C PRO A 132 -14.40 8.99 -25.38
N ALA A 133 -15.49 8.28 -25.02
CA ALA A 133 -15.38 7.02 -24.25
C ALA A 133 -14.60 5.97 -25.05
N ALA A 134 -14.67 6.00 -26.41
CA ALA A 134 -13.90 5.05 -27.26
C ALA A 134 -12.38 5.18 -27.05
N ASP A 135 -11.90 6.35 -26.61
CA ASP A 135 -10.47 6.54 -26.37
C ASP A 135 -10.05 6.13 -24.98
N PHE A 136 -10.97 5.71 -24.09
CA PHE A 136 -10.63 5.43 -22.70
C PHE A 136 -9.85 4.12 -22.58
N PRO A 137 -8.68 4.10 -21.89
CA PRO A 137 -7.91 2.85 -21.82
C PRO A 137 -8.53 1.79 -20.92
N ASN A 138 -8.84 0.62 -21.51
CA ASN A 138 -9.40 -0.51 -20.77
C ASN A 138 -8.32 -1.56 -20.63
N LEU A 139 -8.15 -2.10 -19.43
CA LEU A 139 -7.15 -3.14 -19.20
C LEU A 139 -7.59 -4.38 -20.02
N ASP A 140 -6.62 -5.03 -20.72
CA ASP A 140 -6.90 -6.18 -21.60
C ASP A 140 -7.61 -7.33 -20.90
N ASP A 141 -8.32 -8.16 -21.68
CA ASP A 141 -9.10 -9.29 -21.18
C ASP A 141 -8.20 -10.31 -20.48
N TRP A 142 -8.71 -10.91 -19.39
CA TRP A 142 -7.96 -11.92 -18.64
C TRP A 142 -8.88 -12.75 -17.78
N GLN A 143 -8.43 -13.95 -17.44
CA GLN A 143 -9.21 -14.89 -16.62
C GLN A 143 -8.43 -15.14 -15.35
N SER A 144 -9.12 -15.18 -14.21
CA SER A 144 -8.43 -15.42 -12.94
C SER A 144 -8.15 -16.89 -12.81
N GLU A 145 -7.04 -17.22 -12.15
CA GLU A 145 -6.62 -18.59 -11.85
C GLU A 145 -6.82 -18.87 -10.35
N VAL A 146 -6.85 -17.80 -9.49
CA VAL A 146 -6.99 -17.98 -8.05
C VAL A 146 -8.01 -16.95 -7.55
N GLU A 147 -8.82 -17.33 -6.57
CA GLU A 147 -9.81 -16.44 -5.97
C GLU A 147 -9.95 -16.76 -4.50
N PHE A 148 -10.12 -15.74 -3.65
CA PHE A 148 -10.34 -15.92 -2.21
C PHE A 148 -10.98 -14.66 -1.65
N THR A 149 -11.73 -14.80 -0.58
CA THR A 149 -12.43 -13.67 0.07
C THR A 149 -11.92 -13.56 1.49
N LEU A 150 -11.55 -12.37 1.93
CA LEU A 150 -11.02 -12.19 3.28
C LEU A 150 -11.51 -10.88 3.91
N PRO A 151 -11.42 -10.71 5.24
CA PRO A 151 -11.81 -9.44 5.84
C PRO A 151 -10.85 -8.33 5.42
N GLN A 152 -11.37 -7.10 5.27
CA GLN A 152 -10.55 -5.94 4.88
C GLN A 152 -9.45 -5.71 5.92
N ALA A 153 -9.77 -5.94 7.21
CA ALA A 153 -8.81 -5.78 8.31
C ALA A 153 -7.58 -6.68 8.14
N THR A 154 -7.76 -7.88 7.57
CA THR A 154 -6.64 -8.79 7.36
C THR A 154 -5.76 -8.26 6.25
N MET A 155 -6.35 -7.76 5.16
CA MET A 155 -5.58 -7.18 4.06
C MET A 155 -4.86 -5.92 4.51
N LYS A 156 -5.53 -5.09 5.32
CA LYS A 156 -4.93 -3.86 5.87
C LYS A 156 -3.72 -4.24 6.71
N ARG A 157 -3.89 -5.22 7.62
CA ARG A 157 -2.81 -5.72 8.48
C ARG A 157 -1.62 -6.16 7.64
N LEU A 158 -1.86 -6.93 6.57
CA LEU A 158 -0.79 -7.48 5.73
C LEU A 158 -0.01 -6.41 5.01
N ILE A 159 -0.72 -5.43 4.44
CA ILE A 159 -0.08 -4.33 3.72
C ILE A 159 0.63 -3.41 4.69
N GLU A 160 -0.03 -2.96 5.73
CA GLU A 160 0.60 -2.02 6.67
C GLU A 160 1.80 -2.63 7.37
N ALA A 161 1.80 -3.94 7.60
CA ALA A 161 2.96 -4.57 8.24
C ALA A 161 4.19 -4.57 7.32
N THR A 162 4.03 -4.50 6.00
CA THR A 162 5.19 -4.61 5.10
C THR A 162 5.42 -3.52 4.04
N GLN A 163 4.43 -2.63 3.74
CA GLN A 163 4.52 -1.61 2.68
CA GLN A 163 4.52 -1.62 2.67
C GLN A 163 5.78 -0.74 2.74
N PHE A 164 6.18 -0.32 3.94
CA PHE A 164 7.37 0.52 4.09
C PHE A 164 8.71 -0.08 3.61
N SER A 165 8.82 -1.43 3.48
CA SER A 165 10.06 -2.08 3.06
C SER A 165 10.19 -2.26 1.56
N MET A 166 9.19 -1.87 0.78
CA MET A 166 9.27 -1.95 -0.68
C MET A 166 10.28 -0.96 -1.17
N ALA A 167 10.94 -1.24 -2.30
CA ALA A 167 11.89 -0.29 -2.85
C ALA A 167 11.10 0.80 -3.56
N HIS A 168 11.77 1.92 -3.86
CA HIS A 168 11.23 3.06 -4.62
C HIS A 168 12.17 3.19 -5.81
N GLN A 169 11.68 2.89 -7.02
CA GLN A 169 12.46 3.04 -8.26
C GLN A 169 13.80 2.26 -8.29
N ASP A 170 13.85 1.04 -7.73
CA ASP A 170 15.05 0.22 -7.85
C ASP A 170 15.12 -0.29 -9.30
N VAL A 171 16.34 -0.45 -9.85
CA VAL A 171 16.53 -1.00 -11.21
C VAL A 171 15.78 -2.33 -11.28
N ARG A 172 15.85 -3.14 -10.20
CA ARG A 172 15.13 -4.42 -10.10
C ARG A 172 13.68 -4.08 -9.85
N TYR A 173 12.94 -3.86 -10.95
CA TYR A 173 11.54 -3.41 -10.90
C TYR A 173 10.62 -4.28 -10.06
N TYR A 174 10.94 -5.56 -9.89
CA TYR A 174 10.20 -6.50 -9.06
C TYR A 174 10.28 -6.09 -7.56
N LEU A 175 11.27 -5.24 -7.16
CA LEU A 175 11.36 -4.75 -5.76
C LEU A 175 10.47 -3.52 -5.49
N ASN A 176 9.99 -2.81 -6.55
CA ASN A 176 9.09 -1.65 -6.46
C ASN A 176 7.65 -2.14 -6.41
N GLY A 177 7.39 -3.03 -5.50
CA GLY A 177 6.11 -3.70 -5.39
C GLY A 177 6.13 -4.61 -4.19
N MET A 178 5.05 -5.37 -4.01
CA MET A 178 4.87 -6.23 -2.87
C MET A 178 4.49 -7.58 -3.38
N LEU A 179 5.11 -8.62 -2.81
CA LEU A 179 4.77 -9.97 -3.16
C LEU A 179 3.52 -10.33 -2.36
N PHE A 180 2.53 -10.93 -2.99
CA PHE A 180 1.33 -11.45 -2.35
C PHE A 180 1.42 -12.91 -2.62
N GLU A 181 1.48 -13.71 -1.56
N GLU A 181 1.48 -13.71 -1.56
CA GLU A 181 1.63 -15.14 -1.72
CA GLU A 181 1.66 -15.15 -1.68
C GLU A 181 0.56 -15.88 -0.93
C GLU A 181 0.60 -15.91 -0.91
N THR A 182 -0.05 -16.89 -1.56
CA THR A 182 -1.03 -17.75 -0.93
C THR A 182 -0.33 -19.09 -0.73
N GLU A 183 -0.43 -19.67 0.45
CA GLU A 183 0.19 -20.97 0.76
C GLU A 183 -0.63 -21.63 1.83
N GLY A 184 -1.20 -22.80 1.55
CA GLY A 184 -2.03 -23.53 2.51
C GLY A 184 -3.29 -22.70 2.77
N GLU A 185 -3.50 -22.30 4.02
CA GLU A 185 -4.63 -21.41 4.35
C GLU A 185 -4.15 -20.00 4.68
N GLU A 186 -2.91 -19.66 4.33
CA GLU A 186 -2.37 -18.34 4.64
C GLU A 186 -2.17 -17.44 3.45
N LEU A 187 -2.38 -16.12 3.64
CA LEU A 187 -2.06 -15.11 2.66
C LEU A 187 -0.87 -14.38 3.28
N ARG A 188 0.14 -14.08 2.48
CA ARG A 188 1.36 -13.49 2.96
C ARG A 188 1.82 -12.35 2.08
N THR A 189 2.43 -11.32 2.68
CA THR A 189 3.00 -10.24 1.92
C THR A 189 4.45 -10.15 2.24
N VAL A 190 5.22 -9.81 1.24
CA VAL A 190 6.65 -9.64 1.41
C VAL A 190 7.06 -8.39 0.66
N ALA A 191 7.86 -7.55 1.31
CA ALA A 191 8.43 -6.38 0.68
C ALA A 191 9.87 -6.27 1.11
N THR A 192 10.73 -5.90 0.17
CA THR A 192 12.14 -5.72 0.41
C THR A 192 12.75 -4.80 -0.68
N ASP A 193 13.83 -4.12 -0.31
CA ASP A 193 14.59 -3.25 -1.22
C ASP A 193 16.03 -3.79 -1.29
N GLY A 194 16.27 -4.98 -0.74
CA GLY A 194 17.59 -5.57 -0.71
C GLY A 194 18.44 -5.17 0.48
N HIS A 195 18.02 -4.15 1.26
CA HIS A 195 18.72 -3.73 2.48
C HIS A 195 17.92 -4.19 3.71
N ARG A 196 16.59 -4.08 3.62
CA ARG A 196 15.68 -4.51 4.66
C ARG A 196 14.49 -5.22 4.02
N LEU A 197 13.87 -6.13 4.78
CA LEU A 197 12.77 -6.98 4.34
C LEU A 197 11.73 -7.09 5.45
N ALA A 198 10.44 -7.11 5.06
CA ALA A 198 9.31 -7.27 5.95
C ALA A 198 8.45 -8.37 5.35
N VAL A 199 7.93 -9.28 6.21
CA VAL A 199 7.08 -10.38 5.77
C VAL A 199 5.98 -10.52 6.77
N CYS A 200 4.73 -10.64 6.30
CA CYS A 200 3.59 -10.82 7.17
C CYS A 200 2.72 -11.91 6.62
N SER A 201 2.24 -12.84 7.48
CA SER A 201 1.38 -13.96 7.05
C SER A 201 0.16 -13.97 7.93
N MET A 202 -1.00 -14.22 7.33
CA MET A 202 -2.26 -14.25 8.05
C MET A 202 -3.11 -15.42 7.58
N PRO A 203 -3.73 -16.18 8.50
CA PRO A 203 -4.65 -17.26 8.06
C PRO A 203 -5.92 -16.65 7.47
N ILE A 204 -6.44 -17.21 6.38
CA ILE A 204 -7.65 -16.63 5.77
C ILE A 204 -8.79 -17.66 5.68
N GLY A 205 -8.70 -18.75 6.44
CA GLY A 205 -9.79 -19.70 6.59
C GLY A 205 -10.27 -20.47 5.38
N GLN A 206 -9.41 -20.70 4.40
CA GLN A 206 -9.80 -21.44 3.19
C GLN A 206 -8.52 -22.00 2.53
N SER A 207 -8.61 -23.20 1.94
CA SER A 207 -7.47 -23.87 1.30
C SER A 207 -7.17 -23.18 0.00
N LEU A 208 -5.93 -22.76 -0.17
CA LEU A 208 -5.51 -21.99 -1.33
C LEU A 208 -4.49 -22.74 -2.14
N PRO A 209 -4.43 -22.54 -3.46
CA PRO A 209 -3.27 -23.05 -4.22
C PRO A 209 -2.04 -22.19 -3.85
N SER A 210 -0.86 -22.72 -4.07
CA SER A 210 0.39 -22.01 -3.82
C SER A 210 0.64 -21.13 -5.01
N HIS A 211 0.55 -19.81 -4.83
CA HIS A 211 0.66 -18.85 -5.91
C HIS A 211 1.36 -17.60 -5.38
N SER A 212 2.15 -16.93 -6.22
CA SER A 212 2.92 -15.73 -5.84
C SER A 212 2.84 -14.72 -6.97
N VAL A 213 2.46 -13.49 -6.65
CA VAL A 213 2.39 -12.39 -7.63
C VAL A 213 3.03 -11.18 -6.98
N ILE A 214 3.52 -10.25 -7.82
CA ILE A 214 4.11 -8.99 -7.38
C ILE A 214 3.14 -7.90 -7.82
N VAL A 215 2.63 -7.12 -6.86
CA VAL A 215 1.71 -6.02 -7.15
C VAL A 215 2.56 -4.76 -7.19
N PRO A 216 2.43 -3.91 -8.26
CA PRO A 216 3.18 -2.63 -8.28
C PRO A 216 2.96 -1.80 -7.02
N ARG A 217 3.98 -1.07 -6.56
CA ARG A 217 3.81 -0.26 -5.34
C ARG A 217 2.61 0.70 -5.38
N LYS A 218 2.31 1.31 -6.53
CA LYS A 218 1.13 2.20 -6.63
C LYS A 218 -0.15 1.39 -6.45
N GLY A 219 -0.19 0.18 -7.01
CA GLY A 219 -1.32 -0.72 -6.83
C GLY A 219 -1.52 -1.11 -5.38
N VAL A 220 -0.40 -1.32 -4.64
CA VAL A 220 -0.48 -1.64 -3.21
C VAL A 220 -1.10 -0.44 -2.44
N ILE A 221 -0.69 0.78 -2.78
CA ILE A 221 -1.23 1.99 -2.14
C ILE A 221 -2.71 2.12 -2.48
N GLU A 222 -3.09 1.84 -3.74
CA GLU A 222 -4.51 1.87 -4.13
C GLU A 222 -5.33 0.87 -3.38
N LEU A 223 -4.81 -0.36 -3.25
CA LEU A 223 -5.51 -1.42 -2.53
C LEU A 223 -5.78 -0.98 -1.11
N MET A 224 -4.77 -0.42 -0.42
CA MET A 224 -4.92 0.08 0.95
C MET A 224 -6.01 1.15 1.08
N ARG A 225 -6.04 2.09 0.14
CA ARG A 225 -7.02 3.18 0.16
CA ARG A 225 -7.01 3.20 0.15
C ARG A 225 -8.44 2.73 0.00
N MET A 226 -8.67 1.66 -0.75
CA MET A 226 -10.03 1.17 -0.97
C MET A 226 -10.62 0.44 0.23
N LEU A 227 -9.84 0.19 1.30
CA LEU A 227 -10.31 -0.52 2.47
C LEU A 227 -10.94 0.49 3.44
N ASP A 228 -12.28 0.65 3.35
CA ASP A 228 -13.07 1.61 4.16
C ASP A 228 -13.05 1.37 5.67
N GLY A 229 -12.69 0.17 6.11
CA GLY A 229 -12.66 -0.18 7.52
C GLY A 229 -13.91 -0.92 7.97
N GLY A 230 -14.96 -0.91 7.14
CA GLY A 230 -16.22 -1.58 7.44
C GLY A 230 -16.13 -3.08 7.28
N ASP A 231 -17.29 -3.74 7.23
CA ASP A 231 -17.34 -5.20 7.20
C ASP A 231 -17.69 -5.80 5.82
N ASN A 232 -17.70 -5.02 4.73
CA ASN A 232 -17.87 -5.59 3.37
C ASN A 232 -16.58 -6.40 3.16
N PRO A 233 -16.63 -7.65 2.71
CA PRO A 233 -15.38 -8.41 2.54
C PRO A 233 -14.63 -8.04 1.29
N LEU A 234 -13.33 -8.34 1.27
CA LEU A 234 -12.46 -8.09 0.14
C LEU A 234 -12.38 -9.37 -0.71
N ARG A 235 -12.93 -9.38 -1.92
CA ARG A 235 -12.86 -10.58 -2.77
C ARG A 235 -11.71 -10.34 -3.76
N VAL A 236 -10.65 -11.16 -3.67
CA VAL A 236 -9.46 -11.05 -4.54
C VAL A 236 -9.46 -12.09 -5.65
N GLN A 237 -9.19 -11.67 -6.90
CA GLN A 237 -9.02 -12.59 -8.05
C GLN A 237 -7.63 -12.35 -8.61
N ILE A 238 -6.87 -13.42 -8.85
CA ILE A 238 -5.51 -13.33 -9.36
C ILE A 238 -5.44 -14.12 -10.63
N GLY A 239 -4.87 -13.50 -11.67
CA GLY A 239 -4.65 -14.13 -12.96
C GLY A 239 -3.16 -14.27 -13.15
N SER A 240 -2.75 -14.58 -14.38
CA SER A 240 -1.32 -14.72 -14.70
C SER A 240 -0.62 -13.36 -14.65
N ASN A 241 -1.30 -12.29 -15.15
CA ASN A 241 -0.73 -10.94 -15.26
C ASN A 241 -1.52 -9.84 -14.57
N ASN A 242 -2.57 -10.17 -13.83
CA ASN A 242 -3.37 -9.14 -13.19
C ASN A 242 -3.91 -9.63 -11.87
N ILE A 243 -4.27 -8.68 -11.03
CA ILE A 243 -4.95 -8.91 -9.76
C ILE A 243 -6.17 -7.98 -9.75
N ARG A 244 -7.28 -8.46 -9.19
CA ARG A 244 -8.50 -7.71 -9.05
C ARG A 244 -8.95 -7.85 -7.58
N ALA A 245 -9.45 -6.75 -7.01
CA ALA A 245 -9.91 -6.69 -5.62
C ALA A 245 -11.31 -6.05 -5.64
N HIS A 246 -12.32 -6.76 -5.14
N HIS A 246 -12.33 -6.75 -5.13
CA HIS A 246 -13.71 -6.29 -5.05
CA HIS A 246 -13.73 -6.28 -5.06
C HIS A 246 -14.03 -5.97 -3.58
C HIS A 246 -14.10 -6.00 -3.60
N VAL A 247 -14.50 -4.75 -3.28
CA VAL A 247 -14.91 -4.35 -1.91
C VAL A 247 -16.21 -3.56 -2.15
N GLY A 248 -17.35 -4.09 -1.72
CA GLY A 248 -18.64 -3.44 -1.92
C GLY A 248 -18.94 -3.22 -3.40
N ASP A 249 -19.13 -1.97 -3.81
CA ASP A 249 -19.40 -1.65 -5.22
C ASP A 249 -18.13 -1.12 -5.95
N PHE A 250 -16.92 -1.39 -5.41
CA PHE A 250 -15.65 -0.93 -5.96
C PHE A 250 -14.84 -2.11 -6.44
N ILE A 251 -14.33 -2.02 -7.67
CA ILE A 251 -13.50 -3.05 -8.28
C ILE A 251 -12.19 -2.40 -8.62
N PHE A 252 -11.11 -2.89 -8.01
CA PHE A 252 -9.77 -2.38 -8.30
C PHE A 252 -9.06 -3.44 -9.15
N THR A 253 -8.43 -3.07 -10.29
CA THR A 253 -7.68 -4.04 -11.10
C THR A 253 -6.30 -3.46 -11.35
N SER A 254 -5.30 -4.30 -11.32
CA SER A 254 -3.94 -3.84 -11.59
C SER A 254 -3.20 -4.89 -12.31
N LYS A 255 -2.30 -4.47 -13.19
CA LYS A 255 -1.40 -5.40 -13.84
C LYS A 255 -0.39 -5.81 -12.78
N LEU A 256 0.22 -6.99 -12.95
CA LEU A 256 1.22 -7.45 -12.00
C LEU A 256 2.58 -7.12 -12.58
N VAL A 257 3.61 -7.22 -11.73
CA VAL A 257 4.98 -6.94 -12.10
C VAL A 257 5.65 -8.27 -12.48
N ASP A 258 6.39 -8.28 -13.59
CA ASP A 258 7.14 -9.50 -13.98
C ASP A 258 8.38 -9.68 -13.06
N GLY A 259 9.03 -10.81 -13.14
CA GLY A 259 10.26 -11.04 -12.41
C GLY A 259 10.18 -12.05 -11.30
N ARG A 260 11.34 -12.41 -10.80
CA ARG A 260 11.47 -13.39 -9.73
C ARG A 260 11.72 -12.60 -8.45
N PHE A 261 10.74 -12.60 -7.55
CA PHE A 261 10.90 -11.89 -6.28
C PHE A 261 11.84 -12.74 -5.39
N PRO A 262 12.70 -12.17 -4.53
CA PRO A 262 13.52 -13.03 -3.67
C PRO A 262 12.69 -13.88 -2.69
N ASP A 263 13.31 -14.92 -2.11
CA ASP A 263 12.63 -15.83 -1.21
C ASP A 263 12.91 -15.42 0.24
N TYR A 264 11.90 -14.90 0.95
CA TYR A 264 12.05 -14.50 2.37
C TYR A 264 12.60 -15.67 3.24
N ARG A 265 12.29 -16.91 2.87
CA ARG A 265 12.74 -18.08 3.62
C ARG A 265 14.26 -18.17 3.60
N ARG A 266 14.92 -17.68 2.52
CA ARG A 266 16.38 -17.68 2.42
C ARG A 266 17.05 -16.41 2.96
N VAL A 267 16.27 -15.38 3.28
CA VAL A 267 16.76 -14.12 3.83
C VAL A 267 16.68 -14.12 5.37
N LEU A 268 15.71 -14.85 5.96
CA LEU A 268 15.59 -14.93 7.43
C LEU A 268 16.90 -15.46 8.04
N PRO A 269 17.52 -14.78 9.04
CA PRO A 269 18.77 -15.30 9.61
C PRO A 269 18.61 -16.75 10.06
N LYS A 270 19.58 -17.58 9.69
CA LYS A 270 19.57 -19.01 9.95
C LYS A 270 19.56 -19.38 11.43
N ASN A 271 20.57 -18.93 12.20
CA ASN A 271 20.67 -19.32 13.63
C ASN A 271 21.11 -18.18 14.50
N PRO A 272 20.19 -17.25 14.78
CA PRO A 272 20.53 -16.16 15.70
C PRO A 272 21.02 -16.72 17.03
N ASP A 273 22.27 -16.45 17.38
CA ASP A 273 22.81 -16.94 18.65
C ASP A 273 22.70 -15.87 19.76
N LYS A 274 22.11 -14.67 19.44
CA LYS A 274 21.99 -13.55 20.36
C LYS A 274 20.54 -13.01 20.34
N HIS A 275 19.86 -13.04 21.50
CA HIS A 275 18.47 -12.59 21.59
C HIS A 275 18.38 -11.41 22.52
N LEU A 276 17.81 -10.30 22.02
CA LEU A 276 17.62 -9.09 22.80
C LEU A 276 16.12 -8.85 22.91
N GLU A 277 15.66 -8.39 24.06
CA GLU A 277 14.25 -8.02 24.22
C GLU A 277 14.19 -6.73 24.96
N ALA A 278 13.38 -5.79 24.45
CA ALA A 278 13.19 -4.49 25.06
C ALA A 278 11.78 -4.04 24.80
N GLY A 279 11.35 -3.02 25.53
CA GLY A 279 10.05 -2.40 25.32
C GLY A 279 10.08 -1.69 24.00
N CYS A 280 9.07 -1.94 23.15
CA CYS A 280 8.98 -1.33 21.81
C CYS A 280 9.10 0.17 21.82
N ASP A 281 8.32 0.83 22.70
CA ASP A 281 8.29 2.30 22.78
C ASP A 281 9.60 2.85 23.30
N LEU A 282 10.16 2.28 24.38
CA LEU A 282 11.44 2.79 24.86
C LEU A 282 12.54 2.66 23.77
N LEU A 283 12.51 1.57 23.00
CA LEU A 283 13.45 1.36 21.92
C LEU A 283 13.21 2.37 20.79
N LYS A 284 11.94 2.54 20.39
CA LYS A 284 11.54 3.49 19.34
C LYS A 284 11.98 4.91 19.67
N GLN A 285 11.70 5.35 20.90
CA GLN A 285 12.08 6.70 21.30
C GLN A 285 13.59 6.89 21.39
N ALA A 286 14.32 5.86 21.82
CA ALA A 286 15.79 5.93 21.89
C ALA A 286 16.38 6.00 20.49
N PHE A 287 15.86 5.21 19.52
CA PHE A 287 16.33 5.28 18.14
C PHE A 287 15.92 6.61 17.50
N ALA A 288 14.69 7.11 17.80
CA ALA A 288 14.19 8.38 17.29
C ALA A 288 15.09 9.53 17.76
N ARG A 289 15.46 9.55 19.05
CA ARG A 289 16.33 10.60 19.53
C ARG A 289 17.74 10.50 18.97
N ALA A 290 18.31 9.27 18.88
CA ALA A 290 19.66 9.11 18.33
C ALA A 290 19.71 9.57 16.87
N ALA A 291 18.66 9.24 16.09
CA ALA A 291 18.53 9.62 14.68
C ALA A 291 18.72 11.12 14.44
N ILE A 292 18.32 11.95 15.41
CA ILE A 292 18.45 13.41 15.28
C ILE A 292 19.92 13.78 14.97
N LEU A 293 20.91 13.09 15.60
CA LEU A 293 22.32 13.41 15.38
C LEU A 293 23.07 12.41 14.52
N SER A 294 22.35 11.66 13.67
CA SER A 294 22.97 10.78 12.70
C SER A 294 23.16 11.59 11.42
N ASN A 295 24.01 11.08 10.55
CA ASN A 295 24.29 11.67 9.25
C ASN A 295 22.96 11.76 8.48
N GLU A 296 22.60 12.92 7.97
CA GLU A 296 21.29 13.11 7.34
C GLU A 296 21.08 12.29 6.05
N LYS A 297 22.16 11.91 5.36
CA LYS A 297 22.06 11.10 4.14
C LYS A 297 22.20 9.60 4.45
N PHE A 298 23.19 9.24 5.27
CA PHE A 298 23.54 7.84 5.54
C PHE A 298 22.85 7.26 6.76
N ARG A 299 22.37 8.11 7.69
CA ARG A 299 21.54 7.70 8.83
C ARG A 299 22.12 6.59 9.70
N GLY A 300 23.45 6.52 9.77
CA GLY A 300 24.12 5.42 10.47
C GLY A 300 24.16 5.54 11.98
N VAL A 301 23.74 4.47 12.70
CA VAL A 301 23.79 4.41 14.17
C VAL A 301 24.51 3.11 14.55
N ARG A 302 25.26 3.14 15.66
CA ARG A 302 25.95 1.96 16.17
C ARG A 302 25.16 1.43 17.36
N LEU A 303 25.00 0.11 17.44
CA LEU A 303 24.35 -0.57 18.56
C LEU A 303 25.46 -1.35 19.26
N TYR A 304 25.54 -1.22 20.58
CA TYR A 304 26.49 -1.95 21.41
C TYR A 304 25.63 -2.76 22.35
N VAL A 305 25.56 -4.09 22.12
CA VAL A 305 24.79 -4.98 22.98
C VAL A 305 25.74 -5.61 23.99
N SER A 306 25.36 -5.56 25.28
CA SER A 306 26.12 -6.18 26.36
C SER A 306 25.10 -6.70 27.38
N GLU A 307 25.55 -7.45 28.42
CA GLU A 307 24.61 -8.06 29.39
C GLU A 307 23.53 -7.10 29.87
N ASN A 308 22.28 -7.38 29.49
CA ASN A 308 21.10 -6.60 29.84
C ASN A 308 21.22 -5.11 29.52
N GLN A 309 21.95 -4.75 28.46
CA GLN A 309 22.08 -3.36 28.08
C GLN A 309 22.26 -3.17 26.58
N LEU A 310 21.57 -2.17 26.03
CA LEU A 310 21.70 -1.75 24.65
C LEU A 310 22.13 -0.29 24.66
N LYS A 311 23.29 0.01 24.06
CA LYS A 311 23.76 1.39 23.90
C LYS A 311 23.67 1.73 22.41
N ILE A 312 23.04 2.89 22.07
CA ILE A 312 22.88 3.35 20.70
C ILE A 312 23.68 4.63 20.61
N THR A 313 24.55 4.75 19.58
CA THR A 313 25.28 5.99 19.35
C THR A 313 25.04 6.48 17.93
N ALA A 314 25.14 7.79 17.75
CA ALA A 314 24.93 8.45 16.46
C ALA A 314 25.90 9.62 16.35
N ASN A 315 26.64 9.71 15.24
CA ASN A 315 27.55 10.82 14.96
C ASN A 315 27.22 11.34 13.54
N ASN A 316 27.42 12.62 13.30
CA ASN A 316 27.18 13.24 12.00
C ASN A 316 28.43 14.01 11.55
N PRO A 317 28.46 14.58 10.35
CA PRO A 317 29.67 15.29 9.90
C PRO A 317 30.06 16.52 10.74
N GLU A 318 29.14 17.11 11.51
CA GLU A 318 29.49 18.21 12.43
C GLU A 318 30.20 17.65 13.69
N GLN A 319 30.32 16.31 13.84
CA GLN A 319 30.89 15.66 15.01
C GLN A 319 29.95 15.82 16.21
N GLU A 320 28.64 16.03 15.96
CA GLU A 320 27.64 16.06 17.06
C GLU A 320 27.44 14.61 17.41
N GLU A 321 27.03 14.30 18.63
CA GLU A 321 26.92 12.92 19.05
CA GLU A 321 26.95 12.91 19.04
C GLU A 321 25.74 12.68 19.96
N ALA A 322 24.97 11.61 19.71
CA ALA A 322 23.86 11.21 20.56
C ALA A 322 24.26 9.86 21.15
N GLU A 323 23.94 9.64 22.42
CA GLU A 323 24.17 8.37 23.09
C GLU A 323 22.93 8.07 23.89
N GLU A 324 22.41 6.84 23.76
CA GLU A 324 21.22 6.36 24.44
C GLU A 324 21.56 5.04 25.06
N ILE A 325 21.32 4.86 26.37
CA ILE A 325 21.55 3.56 27.03
C ILE A 325 20.20 3.05 27.53
N LEU A 326 19.88 1.79 27.22
CA LEU A 326 18.64 1.14 27.61
C LEU A 326 18.95 -0.10 28.43
N ASP A 327 18.07 -0.41 29.40
CA ASP A 327 18.14 -1.67 30.15
C ASP A 327 17.28 -2.58 29.30
N VAL A 328 17.87 -3.68 28.83
CA VAL A 328 17.16 -4.63 27.95
C VAL A 328 17.40 -6.01 28.49
N THR A 329 16.75 -7.04 27.92
CA THR A 329 16.99 -8.42 28.32
C THR A 329 17.93 -8.94 27.25
N TYR A 330 19.18 -9.20 27.62
CA TYR A 330 20.19 -9.71 26.70
C TYR A 330 21.25 -10.47 27.49
N SER A 331 21.54 -11.73 27.11
CA SER A 331 22.56 -12.55 27.78
C SER A 331 23.60 -13.21 26.81
N GLY A 332 23.59 -12.79 25.54
CA GLY A 332 24.56 -13.27 24.55
C GLY A 332 25.90 -12.56 24.65
N ALA A 333 26.78 -12.78 23.65
CA ALA A 333 28.12 -12.17 23.64
C ALA A 333 28.06 -10.69 23.27
N GLU A 334 29.00 -9.91 23.81
CA GLU A 334 29.07 -8.49 23.51
C GLU A 334 29.38 -8.27 22.04
N MET A 335 28.67 -7.34 21.39
CA MET A 335 28.96 -7.05 19.99
C MET A 335 28.49 -5.66 19.61
N GLU A 336 29.09 -5.14 18.56
CA GLU A 336 28.78 -3.84 18.00
C GLU A 336 28.26 -4.10 16.59
N ILE A 337 27.24 -3.36 16.17
CA ILE A 337 26.68 -3.51 14.84
C ILE A 337 26.07 -2.19 14.43
N GLY A 338 26.38 -1.77 13.23
CA GLY A 338 25.87 -0.53 12.69
C GLY A 338 24.63 -0.76 11.88
N PHE A 339 23.68 0.20 11.93
CA PHE A 339 22.44 0.20 11.18
C PHE A 339 22.06 1.56 10.65
N ASN A 340 21.30 1.56 9.56
CA ASN A 340 20.63 2.75 9.08
C ASN A 340 19.43 2.86 10.07
N VAL A 341 19.39 3.94 10.84
CA VAL A 341 18.34 4.18 11.82
C VAL A 341 16.94 4.31 11.21
N SER A 342 16.79 4.82 9.97
CA SER A 342 15.46 4.93 9.37
C SER A 342 14.86 3.52 9.18
N TYR A 343 15.71 2.53 8.84
CA TYR A 343 15.28 1.11 8.67
C TYR A 343 14.84 0.51 9.98
N VAL A 344 15.56 0.83 11.06
CA VAL A 344 15.20 0.35 12.39
C VAL A 344 13.91 1.04 12.84
N LEU A 345 13.82 2.35 12.66
CA LEU A 345 12.61 3.07 13.09
C LEU A 345 11.36 2.64 12.31
N ASP A 346 11.50 2.34 11.02
CA ASP A 346 10.35 1.87 10.23
C ASP A 346 9.77 0.61 10.83
N VAL A 347 10.63 -0.30 11.29
CA VAL A 347 10.19 -1.55 11.87
C VAL A 347 9.48 -1.29 13.20
N LEU A 348 10.13 -0.54 14.09
CA LEU A 348 9.58 -0.25 15.42
C LEU A 348 8.25 0.49 15.32
N ASN A 349 8.14 1.39 14.35
CA ASN A 349 6.90 2.12 14.11
C ASN A 349 5.81 1.20 13.63
N ALA A 350 6.16 0.20 12.81
CA ALA A 350 5.20 -0.76 12.30
C ALA A 350 4.77 -1.79 13.35
N LEU A 351 5.63 -2.10 14.33
CA LEU A 351 5.30 -3.12 15.34
C LEU A 351 4.28 -2.68 16.36
N LYS A 352 4.34 -1.43 16.86
CA LYS A 352 3.39 -0.86 17.82
C LYS A 352 2.80 -1.92 18.79
N CYS A 353 3.71 -2.58 19.52
CA CYS A 353 3.41 -3.63 20.49
C CYS A 353 4.06 -3.26 21.82
N GLU A 354 3.95 -4.14 22.83
CA GLU A 354 4.55 -3.82 24.13
C GLU A 354 6.03 -4.11 24.13
N ASN A 355 6.44 -5.34 23.77
CA ASN A 355 7.85 -5.73 23.77
C ASN A 355 8.28 -6.18 22.38
N VAL A 356 9.54 -5.92 22.04
N VAL A 356 9.55 -5.92 22.05
CA VAL A 356 10.13 -6.29 20.74
CA VAL A 356 10.16 -6.30 20.77
C VAL A 356 11.33 -7.21 20.98
C VAL A 356 11.32 -7.26 21.02
N ARG A 357 11.52 -8.21 20.10
CA ARG A 357 12.63 -9.15 20.18
C ARG A 357 13.53 -8.92 18.96
N MET A 358 14.85 -8.76 19.19
CA MET A 358 15.86 -8.63 18.14
C MET A 358 16.75 -9.82 18.23
N MET A 359 16.91 -10.52 17.11
CA MET A 359 17.74 -11.72 17.04
C MET A 359 18.93 -11.43 16.11
N LEU A 360 20.17 -11.52 16.65
CA LEU A 360 21.40 -11.21 15.92
C LEU A 360 22.32 -12.42 15.82
N THR A 361 23.30 -12.28 14.93
CA THR A 361 24.34 -13.28 14.70
C THR A 361 25.70 -12.62 14.98
N ASP A 362 26.12 -11.67 14.13
CA ASP A 362 27.39 -10.98 14.26
C ASP A 362 27.30 -9.60 13.57
N SER A 363 28.39 -8.81 13.58
CA SER A 363 28.41 -7.43 13.08
C SER A 363 28.20 -7.25 11.57
N VAL A 364 28.41 -8.28 10.75
CA VAL A 364 28.23 -8.18 9.31
C VAL A 364 26.97 -8.93 8.82
N SER A 365 26.12 -9.41 9.73
CA SER A 365 24.96 -10.20 9.31
C SER A 365 23.66 -9.54 9.69
N SER A 366 22.60 -9.90 8.98
CA SER A 366 21.29 -9.30 9.19
C SER A 366 20.73 -9.56 10.58
N VAL A 367 19.77 -8.72 10.99
CA VAL A 367 19.09 -8.82 12.28
CA VAL A 367 19.11 -8.83 12.27
C VAL A 367 17.63 -9.07 12.02
N GLN A 368 17.01 -9.97 12.81
CA GLN A 368 15.59 -10.26 12.70
C GLN A 368 14.94 -9.55 13.86
N ILE A 369 13.88 -8.78 13.59
CA ILE A 369 13.17 -8.04 14.62
C ILE A 369 11.71 -8.46 14.55
N GLU A 370 11.08 -8.64 15.71
CA GLU A 370 9.70 -9.02 15.73
C GLU A 370 9.05 -8.72 17.07
N ASP A 371 7.72 -8.70 17.05
CA ASP A 371 6.92 -8.50 18.25
C ASP A 371 7.23 -9.71 19.10
N ALA A 372 7.58 -9.53 20.39
CA ALA A 372 7.88 -10.65 21.29
C ALA A 372 6.65 -11.53 21.53
N ALA A 373 5.44 -10.97 21.37
CA ALA A 373 4.17 -11.70 21.58
C ALA A 373 3.57 -12.30 20.30
N SER A 374 4.14 -12.05 19.12
CA SER A 374 3.58 -12.58 17.87
C SER A 374 4.65 -12.86 16.82
N GLN A 375 4.42 -13.89 16.03
CA GLN A 375 5.32 -14.29 14.95
C GLN A 375 4.64 -14.10 13.58
N SER A 376 3.50 -13.35 13.50
CA SER A 376 2.78 -13.17 12.25
C SER A 376 3.55 -12.29 11.27
N ALA A 377 4.38 -11.38 11.80
CA ALA A 377 5.23 -10.51 10.97
C ALA A 377 6.69 -10.63 11.38
N ALA A 378 7.62 -10.59 10.42
CA ALA A 378 9.04 -10.64 10.74
C ALA A 378 9.79 -9.64 9.86
N TYR A 379 10.80 -8.98 10.46
CA TYR A 379 11.57 -7.96 9.79
C TYR A 379 13.01 -8.34 9.76
N VAL A 380 13.68 -8.13 8.63
CA VAL A 380 15.09 -8.47 8.51
C VAL A 380 15.77 -7.20 8.03
N VAL A 381 16.71 -6.68 8.82
CA VAL A 381 17.45 -5.48 8.45
C VAL A 381 18.92 -5.87 8.31
N MET A 382 19.52 -5.51 7.19
CA MET A 382 20.94 -5.82 6.97
C MET A 382 21.74 -4.64 7.57
N PRO A 383 22.84 -4.87 8.30
CA PRO A 383 23.60 -3.72 8.88
C PRO A 383 24.46 -2.93 7.87
N MET A 384 25.09 -1.87 8.37
CA MET A 384 26.03 -1.04 7.62
C MET A 384 27.42 -1.35 8.21
N ARG A 385 28.51 -1.18 7.41
CA ARG A 385 29.87 -1.35 7.94
C ARG A 385 30.21 -0.04 8.68
N LEU A 386 29.81 -0.01 9.95
CA LEU A 386 29.95 1.13 10.83
C LEU A 386 30.14 0.59 12.26
N ARG B 2 29.45 1.59 4.64
CA ARG B 2 28.60 1.15 3.51
CA ARG B 2 28.61 1.16 3.51
C ARG B 2 27.44 0.26 3.96
N GLN B 3 26.26 0.46 3.33
CA GLN B 3 25.06 -0.36 3.58
C GLN B 3 25.29 -1.75 2.96
N LEU B 6 21.10 -7.75 1.57
CA LEU B 6 20.53 -9.01 2.10
C LEU B 6 20.97 -10.24 1.30
#